data_7D8V
#
_entry.id   7D8V
#
_cell.length_a   87.510
_cell.length_b   87.510
_cell.length_c   97.500
_cell.angle_alpha   90.000
_cell.angle_beta   90.000
_cell.angle_gamma   120.000
#
_symmetry.space_group_name_H-M   'P 32 2 1'
#
loop_
_entity.id
_entity.type
_entity.pdbx_description
1 polymer 'Kinesin family member 13B'
2 non-polymer 2-AMINO-2-HYDROXYMETHYL-PROPANE-1,3-DIOL
3 non-polymer "ADENOSINE-5'-DIPHOSPHATE"
4 non-polymer 'MAGNESIUM ION'
5 water water
#
_entity_poly.entity_id   1
_entity_poly.type   'polypeptide(L)'
_entity_poly.pdbx_seq_one_letter_code
;MGDSKVKVAVRVRPMNRREIDLHTKCVVDVEANKVILNPINTNLSKGDARGQPKIFAYDHCFWSMDESVREKYAGQDDVF
KCLGENILQNAFDGYNACIFAYGQTGSGKSYTMMGTADQPGLIPRLCSGLFERTQKEENEEQSFKVEVSYMEIYNEKVRD
LLDPKGSRQTLKVREHSVLGPYVDGLSKLAVYSYKDIESLMSEGNKSRTVAATNMNEESSRSHAVFKITLTHTLYDVKSG
TSGEKVGKLSLVDLAGSERATKTGAAGDRLKEGSNINKSLTTLGLVISALADQGAGKNKNKFVPYRDSVLTWLLKDSLGG
NSKTAMVATVSPAADNYDETLSTLRYADRAKHIINHAVVNEDPNARIIRDLREEVEKLREQLTKAEAMKSPELKDRLEES
EKLIQEMTVTWEEKLRKTEEIAQERQKQLESHHHHHH
;
_entity_poly.pdbx_strand_id   A
#
# COMPACT_ATOMS: atom_id res chain seq x y z
N ASP A 3 5.02 -8.08 15.10
CA ASP A 3 3.68 -8.68 15.03
C ASP A 3 3.40 -9.42 13.69
N SER A 4 3.89 -8.90 12.57
CA SER A 4 3.60 -9.53 11.27
C SER A 4 4.71 -9.21 10.27
N LYS A 5 4.79 -10.02 9.21
CA LYS A 5 5.70 -9.75 8.11
C LYS A 5 4.95 -9.11 6.95
N VAL A 6 5.67 -8.28 6.19
CA VAL A 6 5.08 -7.68 5.00
C VAL A 6 4.66 -8.77 4.03
N LYS A 7 3.39 -8.75 3.63
CA LYS A 7 2.85 -9.71 2.69
C LYS A 7 3.18 -9.28 1.26
N VAL A 8 3.57 -10.23 0.41
CA VAL A 8 4.03 -9.91 -0.94
C VAL A 8 3.24 -10.73 -1.97
N ALA A 9 2.70 -10.02 -2.95
CA ALA A 9 2.09 -10.62 -4.12
C ALA A 9 2.81 -10.09 -5.34
N VAL A 10 2.88 -10.92 -6.37
CA VAL A 10 3.36 -10.50 -7.68
C VAL A 10 2.20 -10.64 -8.66
N ARG A 11 2.07 -9.67 -9.57
CA ARG A 11 1.07 -9.73 -10.63
C ARG A 11 1.73 -9.57 -11.99
N VAL A 12 1.46 -10.52 -12.88
CA VAL A 12 2.01 -10.55 -14.23
C VAL A 12 0.94 -10.04 -15.19
N ARG A 13 1.20 -8.89 -15.83
CA ARG A 13 0.24 -8.30 -16.74
CA ARG A 13 0.22 -8.32 -16.72
C ARG A 13 0.26 -9.02 -18.09
N PRO A 14 -0.76 -8.81 -18.92
CA PRO A 14 -0.70 -9.40 -20.27
C PRO A 14 0.28 -8.64 -21.17
N MET A 15 0.72 -9.33 -22.23
CA MET A 15 1.49 -8.69 -23.30
C MET A 15 0.75 -7.46 -23.79
N ASN A 16 1.47 -6.35 -23.94
CA ASN A 16 0.81 -5.17 -24.48
C ASN A 16 0.73 -5.28 -26.00
N ARG A 17 0.21 -4.24 -26.66
CA ARG A 17 -0.10 -4.33 -28.09
C ARG A 17 1.16 -4.45 -28.94
N ARG A 18 2.21 -3.70 -28.58
CA ARG A 18 3.48 -3.82 -29.28
C ARG A 18 4.03 -5.24 -29.16
N GLU A 19 3.99 -5.79 -27.95
CA GLU A 19 4.54 -7.11 -27.71
C GLU A 19 3.76 -8.18 -28.48
N ILE A 20 2.43 -7.97 -28.64
CA ILE A 20 1.63 -8.90 -29.43
C ILE A 20 1.97 -8.77 -30.91
N ASP A 21 2.07 -7.53 -31.41
CA ASP A 21 2.49 -7.32 -32.80
C ASP A 21 3.77 -8.09 -33.08
N LEU A 22 4.76 -7.93 -32.21
CA LEU A 22 6.10 -8.43 -32.46
C LEU A 22 6.29 -9.88 -32.04
N HIS A 23 5.22 -10.51 -31.53
CA HIS A 23 5.33 -11.87 -30.97
C HIS A 23 6.48 -11.95 -29.96
N THR A 24 6.62 -10.92 -29.14
CA THR A 24 7.60 -10.92 -28.06
C THR A 24 7.42 -12.13 -27.15
N LYS A 25 8.52 -12.81 -26.85
CA LYS A 25 8.45 -14.02 -26.04
C LYS A 25 8.23 -13.75 -24.57
N CYS A 26 7.48 -14.65 -23.95
CA CYS A 26 7.14 -14.57 -22.54
C CYS A 26 8.23 -15.27 -21.75
N VAL A 27 8.80 -14.57 -20.76
CA VAL A 27 9.84 -15.14 -19.92
C VAL A 27 9.38 -15.35 -18.47
N VAL A 28 8.13 -15.05 -18.14
CA VAL A 28 7.65 -15.15 -16.78
C VAL A 28 6.61 -16.29 -16.72
N ASP A 29 6.85 -17.26 -15.86
CA ASP A 29 5.86 -18.30 -15.61
C ASP A 29 5.44 -18.26 -14.15
N VAL A 30 4.21 -18.68 -13.91
CA VAL A 30 3.65 -18.70 -12.56
C VAL A 30 3.15 -20.12 -12.28
N GLU A 31 3.60 -20.68 -11.17
CA GLU A 31 3.14 -22.01 -10.75
C GLU A 31 2.87 -21.93 -9.25
N ALA A 32 1.59 -21.98 -8.89
CA ALA A 32 1.12 -21.78 -7.52
C ALA A 32 1.69 -20.45 -7.03
N ASN A 33 2.54 -20.41 -6.00
CA ASN A 33 3.09 -19.18 -5.46
C ASN A 33 4.52 -18.91 -5.93
N LYS A 34 4.96 -19.59 -7.00
CA LYS A 34 6.30 -19.42 -7.53
C LYS A 34 6.24 -18.63 -8.83
N VAL A 35 7.13 -17.65 -8.97
CA VAL A 35 7.42 -16.98 -10.23
C VAL A 35 8.75 -17.51 -10.77
N ILE A 36 8.74 -17.93 -12.02
CA ILE A 36 9.93 -18.42 -12.71
C ILE A 36 10.29 -17.39 -13.77
N LEU A 37 11.47 -16.80 -13.64
CA LEU A 37 12.01 -15.90 -14.64
C LEU A 37 12.94 -16.72 -15.52
N ASN A 38 12.52 -17.00 -16.72
CA ASN A 38 13.31 -17.80 -17.64
C ASN A 38 14.30 -16.92 -18.40
N PRO A 39 15.42 -17.49 -18.84
CA PRO A 39 16.45 -16.68 -19.51
C PRO A 39 15.97 -16.16 -20.85
N ILE A 40 16.54 -15.02 -21.23
CA ILE A 40 16.38 -14.48 -22.58
C ILE A 40 17.37 -15.12 -23.54
N ASN A 41 18.66 -15.04 -23.20
CA ASN A 41 19.72 -15.68 -23.97
C ASN A 41 19.77 -17.16 -23.59
N THR A 42 19.28 -18.01 -24.48
CA THR A 42 19.12 -19.43 -24.21
C THR A 42 20.41 -20.26 -24.44
N ASN A 43 21.62 -19.66 -24.44
CA ASN A 43 22.87 -20.40 -24.76
C ASN A 43 24.04 -19.98 -23.87
N LEU A 44 24.07 -20.48 -22.64
CA LEU A 44 25.16 -20.18 -21.71
C LEU A 44 25.60 -21.40 -20.91
N ASP A 48 29.05 -21.83 -15.40
CA ASP A 48 28.04 -21.75 -16.44
C ASP A 48 26.74 -21.19 -15.87
N ALA A 49 26.65 -19.87 -15.76
CA ALA A 49 25.51 -19.22 -15.10
C ALA A 49 25.03 -18.04 -15.93
N ARG A 50 23.96 -17.40 -15.40
CA ARG A 50 23.26 -16.21 -15.92
C ARG A 50 22.18 -16.54 -16.94
N GLY A 51 22.30 -17.70 -17.60
CA GLY A 51 21.26 -18.16 -18.51
C GLY A 51 20.48 -19.33 -17.96
N GLN A 52 20.16 -19.28 -16.67
CA GLN A 52 19.35 -20.29 -16.02
C GLN A 52 18.06 -19.66 -15.51
N PRO A 53 16.97 -20.44 -15.37
CA PRO A 53 15.77 -19.87 -14.73
C PRO A 53 16.07 -19.45 -13.31
N LYS A 54 15.36 -18.41 -12.86
CA LYS A 54 15.45 -17.95 -11.48
C LYS A 54 14.07 -18.04 -10.85
N ILE A 55 13.98 -18.72 -9.71
CA ILE A 55 12.70 -19.07 -9.12
C ILE A 55 12.54 -18.32 -7.81
N PHE A 56 11.43 -17.60 -7.69
CA PHE A 56 11.08 -16.83 -6.50
C PHE A 56 9.75 -17.33 -5.93
N ALA A 57 9.63 -17.28 -4.61
CA ALA A 57 8.41 -17.67 -3.90
C ALA A 57 7.80 -16.46 -3.19
N TYR A 58 6.48 -16.34 -3.26
CA TYR A 58 5.78 -15.20 -2.68
C TYR A 58 4.52 -15.69 -1.97
N ASP A 59 3.87 -14.77 -1.24
CA ASP A 59 2.61 -15.10 -0.59
C ASP A 59 1.51 -15.28 -1.62
N HIS A 60 1.49 -14.46 -2.65
CA HIS A 60 0.48 -14.61 -3.68
C HIS A 60 1.07 -14.35 -5.06
N CYS A 61 0.56 -15.10 -6.04
CA CYS A 61 0.91 -14.87 -7.44
C CYS A 61 -0.35 -14.74 -8.28
N PHE A 62 -0.44 -13.64 -9.01
CA PHE A 62 -1.56 -13.32 -9.88
C PHE A 62 -1.09 -13.36 -11.32
N TRP A 63 -1.47 -14.41 -12.03
CA TRP A 63 -1.23 -14.52 -13.46
C TRP A 63 -2.42 -13.90 -14.17
N SER A 64 -2.21 -12.76 -14.81
CA SER A 64 -3.30 -11.99 -15.41
C SER A 64 -3.09 -11.82 -16.91
N MET A 65 -2.51 -12.84 -17.55
CA MET A 65 -2.03 -12.72 -18.92
C MET A 65 -3.10 -12.96 -19.97
N ASP A 66 -4.14 -13.74 -19.66
CA ASP A 66 -5.05 -14.21 -20.71
C ASP A 66 -6.37 -14.61 -20.06
N GLU A 67 -7.39 -13.73 -20.20
CA GLU A 67 -8.71 -14.01 -19.63
C GLU A 67 -9.21 -15.41 -20.00
N SER A 68 -8.76 -15.93 -21.14
CA SER A 68 -9.29 -17.19 -21.65
C SER A 68 -8.92 -18.37 -20.76
N VAL A 69 -7.68 -18.41 -20.24
CA VAL A 69 -7.23 -19.55 -19.44
C VAL A 69 -7.89 -19.46 -18.06
N ARG A 70 -9.00 -20.14 -17.88
CA ARG A 70 -9.86 -19.87 -16.72
C ARG A 70 -9.37 -20.54 -15.44
N GLU A 71 -8.58 -21.61 -15.54
CA GLU A 71 -8.08 -22.31 -14.36
C GLU A 71 -6.85 -21.65 -13.76
N LYS A 72 -6.44 -20.50 -14.29
CA LYS A 72 -5.17 -19.86 -13.98
C LYS A 72 -5.25 -18.34 -13.87
N TYR A 73 -6.24 -17.70 -14.50
CA TYR A 73 -6.24 -16.25 -14.68
C TYR A 73 -6.78 -15.52 -13.44
N ALA A 74 -6.03 -14.49 -12.99
CA ALA A 74 -6.43 -13.62 -11.90
C ALA A 74 -6.94 -12.30 -12.47
N GLY A 75 -8.25 -12.07 -12.36
CA GLY A 75 -8.84 -10.78 -12.68
C GLY A 75 -8.84 -9.85 -11.47
N GLN A 76 -9.55 -8.73 -11.63
CA GLN A 76 -9.53 -7.69 -10.60
C GLN A 76 -10.19 -8.18 -9.30
N ASP A 77 -11.28 -8.96 -9.38
CA ASP A 77 -11.91 -9.38 -8.14
C ASP A 77 -11.11 -10.46 -7.43
N ASP A 78 -10.35 -11.28 -8.16
CA ASP A 78 -9.44 -12.24 -7.53
C ASP A 78 -8.37 -11.52 -6.71
N VAL A 79 -7.79 -10.46 -7.27
CA VAL A 79 -6.86 -9.63 -6.51
C VAL A 79 -7.53 -9.11 -5.26
N PHE A 80 -8.73 -8.52 -5.42
CA PHE A 80 -9.42 -7.96 -4.26
C PHE A 80 -9.73 -9.03 -3.20
N LYS A 81 -10.15 -10.22 -3.59
CA LYS A 81 -10.47 -11.23 -2.58
C LYS A 81 -9.24 -11.76 -1.87
N CYS A 82 -8.07 -11.84 -2.56
CA CYS A 82 -6.87 -12.28 -1.85
C CYS A 82 -6.15 -11.18 -1.08
N LEU A 83 -6.28 -9.91 -1.49
CA LEU A 83 -5.54 -8.84 -0.85
C LEU A 83 -6.44 -7.78 -0.24
N GLY A 84 -7.45 -7.33 -0.98
CA GLY A 84 -8.30 -6.27 -0.49
C GLY A 84 -9.06 -6.64 0.78
N GLU A 85 -9.63 -7.85 0.81
CA GLU A 85 -10.54 -8.17 1.90
C GLU A 85 -9.82 -8.24 3.24
N ASN A 86 -8.61 -8.83 3.27
CA ASN A 86 -7.81 -8.85 4.50
C ASN A 86 -7.44 -7.45 4.96
N ILE A 87 -7.17 -6.56 4.02
CA ILE A 87 -6.80 -5.20 4.37
C ILE A 87 -7.99 -4.43 4.94
N LEU A 88 -9.18 -4.62 4.35
CA LEU A 88 -10.40 -4.04 4.88
C LEU A 88 -10.68 -4.56 6.29
N GLN A 89 -10.46 -5.86 6.51
CA GLN A 89 -10.62 -6.44 7.84
C GLN A 89 -9.59 -5.90 8.83
N ASN A 90 -8.37 -5.62 8.36
CA ASN A 90 -7.37 -4.99 9.22
C ASN A 90 -7.86 -3.62 9.69
N ALA A 91 -8.42 -2.83 8.77
CA ALA A 91 -8.91 -1.51 9.16
C ALA A 91 -10.06 -1.64 10.14
N PHE A 92 -11.00 -2.54 9.86
CA PHE A 92 -12.11 -2.71 10.79
C PHE A 92 -11.67 -3.23 12.14
N ASP A 93 -10.46 -3.79 12.24
CA ASP A 93 -9.96 -4.23 13.53
C ASP A 93 -9.16 -3.16 14.24
N GLY A 94 -9.00 -1.99 13.61
CA GLY A 94 -8.29 -0.91 14.24
C GLY A 94 -6.80 -0.91 14.01
N TYR A 95 -6.31 -1.59 12.96
CA TYR A 95 -4.92 -1.52 12.53
C TYR A 95 -4.82 -0.55 11.38
N ASN A 96 -3.68 0.13 11.31
CA ASN A 96 -3.25 0.72 10.05
C ASN A 96 -2.88 -0.40 9.07
N ALA A 97 -3.23 -0.20 7.82
CA ALA A 97 -3.03 -1.17 6.74
C ALA A 97 -2.59 -0.40 5.51
N CYS A 98 -1.67 -1.00 4.77
CA CYS A 98 -1.10 -0.38 3.59
C CYS A 98 -1.01 -1.42 2.49
N ILE A 99 -1.38 -1.03 1.26
CA ILE A 99 -1.04 -1.77 0.07
C ILE A 99 -0.29 -0.83 -0.84
N PHE A 100 0.89 -1.24 -1.29
CA PHE A 100 1.54 -0.43 -2.31
C PHE A 100 1.90 -1.28 -3.52
N ALA A 101 1.75 -0.67 -4.69
CA ALA A 101 2.10 -1.31 -5.96
C ALA A 101 3.46 -0.78 -6.42
N TYR A 102 4.30 -1.71 -6.88
CA TYR A 102 5.71 -1.44 -7.19
C TYR A 102 6.06 -2.11 -8.51
N GLY A 103 6.73 -1.39 -9.41
CA GLY A 103 7.15 -2.01 -10.64
C GLY A 103 7.38 -0.99 -11.74
N GLN A 104 7.96 -1.47 -12.84
CA GLN A 104 8.33 -0.57 -13.91
C GLN A 104 7.08 0.06 -14.55
N THR A 105 7.28 1.22 -15.16
CA THR A 105 6.21 1.88 -15.90
C THR A 105 5.62 0.94 -16.95
N GLY A 106 4.29 0.85 -16.95
CA GLY A 106 3.59 0.00 -17.88
C GLY A 106 3.33 -1.40 -17.40
N SER A 107 3.75 -1.74 -16.18
CA SER A 107 3.62 -3.12 -15.72
C SER A 107 2.31 -3.38 -14.99
N GLY A 108 1.57 -2.35 -14.63
CA GLY A 108 0.24 -2.55 -14.10
C GLY A 108 -0.05 -2.03 -12.70
N LYS A 109 0.77 -1.08 -12.20
CA LYS A 109 0.57 -0.52 -10.86
C LYS A 109 -0.77 0.19 -10.74
N SER A 110 -1.08 1.08 -11.68
CA SER A 110 -2.33 1.83 -11.62
C SER A 110 -3.52 0.94 -11.95
N TYR A 111 -3.38 0.05 -12.94
CA TYR A 111 -4.46 -0.88 -13.26
C TYR A 111 -4.83 -1.70 -12.03
N THR A 112 -3.86 -2.00 -11.18
CA THR A 112 -4.09 -2.81 -10.00
C THR A 112 -4.66 -2.00 -8.85
N MET A 113 -4.19 -0.76 -8.68
CA MET A 113 -4.63 0.04 -7.54
C MET A 113 -5.99 0.67 -7.82
N MET A 114 -6.12 1.33 -8.96
CA MET A 114 -7.32 2.06 -9.32
C MET A 114 -8.09 1.39 -10.45
N GLY A 115 -7.38 0.80 -11.42
CA GLY A 115 -8.02 0.14 -12.54
C GLY A 115 -8.67 1.13 -13.50
N THR A 116 -9.46 0.57 -14.40
CA THR A 116 -10.18 1.35 -15.40
C THR A 116 -11.67 1.33 -15.08
N ALA A 117 -12.41 2.21 -15.78
CA ALA A 117 -13.86 2.23 -15.61
C ALA A 117 -14.45 0.87 -15.93
N ASP A 118 -13.83 0.15 -16.84
CA ASP A 118 -14.27 -1.19 -17.18
C ASP A 118 -13.84 -2.23 -16.18
N GLN A 119 -12.71 -2.03 -15.50
CA GLN A 119 -12.14 -3.05 -14.62
C GLN A 119 -11.67 -2.34 -13.36
N PRO A 120 -12.60 -1.97 -12.46
CA PRO A 120 -12.18 -1.23 -11.27
C PRO A 120 -11.20 -2.07 -10.46
N GLY A 121 -10.20 -1.39 -9.92
CA GLY A 121 -9.13 -2.02 -9.17
C GLY A 121 -9.37 -2.06 -7.68
N LEU A 122 -8.27 -2.19 -6.93
CA LEU A 122 -8.38 -2.35 -5.48
C LEU A 122 -9.09 -1.18 -4.80
N ILE A 123 -8.83 0.05 -5.22
CA ILE A 123 -9.34 1.16 -4.41
C ILE A 123 -10.88 1.28 -4.50
N PRO A 124 -11.49 1.31 -5.68
CA PRO A 124 -12.96 1.40 -5.68
C PRO A 124 -13.63 0.17 -5.08
N ARG A 125 -13.03 -1.02 -5.25
CA ARG A 125 -13.60 -2.21 -4.63
C ARG A 125 -13.53 -2.11 -3.11
N LEU A 126 -12.40 -1.66 -2.58
CA LEU A 126 -12.26 -1.45 -1.15
C LEU A 126 -13.27 -0.43 -0.65
N CYS A 127 -13.45 0.67 -1.38
CA CYS A 127 -14.38 1.72 -0.95
C CYS A 127 -15.80 1.16 -0.85
N SER A 128 -16.21 0.45 -1.90
CA SER A 128 -17.56 -0.11 -1.92
C SER A 128 -17.75 -1.07 -0.75
N GLY A 129 -16.79 -2.00 -0.55
CA GLY A 129 -16.92 -2.96 0.54
C GLY A 129 -16.91 -2.29 1.90
N LEU A 130 -16.14 -1.22 2.05
CA LEU A 130 -16.10 -0.46 3.30
C LEU A 130 -17.48 0.08 3.64
N PHE A 131 -18.13 0.74 2.68
CA PHE A 131 -19.44 1.32 3.00
C PHE A 131 -20.52 0.26 3.11
N GLU A 132 -20.43 -0.81 2.33
CA GLU A 132 -21.29 -1.97 2.55
C GLU A 132 -21.20 -2.47 3.99
N ARG A 133 -19.98 -2.62 4.49
CA ARG A 133 -19.80 -3.17 5.83
C ARG A 133 -20.25 -2.20 6.91
N THR A 134 -19.92 -0.90 6.78
CA THR A 134 -20.36 0.04 7.80
C THR A 134 -21.88 0.13 7.83
N GLN A 135 -22.53 0.12 6.65
CA GLN A 135 -23.99 0.14 6.59
C GLN A 135 -24.56 -1.09 7.28
N LYS A 136 -23.94 -2.25 7.09
CA LYS A 136 -24.56 -3.43 7.70
C LYS A 136 -24.26 -3.54 9.18
N GLU A 137 -23.17 -2.96 9.68
CA GLU A 137 -22.78 -3.19 11.06
C GLU A 137 -23.10 -2.05 12.01
N GLU A 138 -23.46 -0.87 11.51
CA GLU A 138 -23.81 0.20 12.43
C GLU A 138 -25.06 -0.20 13.22
N ASN A 139 -25.02 0.09 14.52
CA ASN A 139 -26.17 -0.10 15.37
C ASN A 139 -25.96 0.73 16.64
N GLU A 140 -26.57 0.33 17.74
CA GLU A 140 -26.53 1.16 18.92
C GLU A 140 -25.30 0.91 19.78
N GLU A 141 -24.54 -0.13 19.49
CA GLU A 141 -23.24 -0.34 20.12
C GLU A 141 -22.08 0.18 19.31
N GLN A 142 -22.32 0.54 18.05
CA GLN A 142 -21.17 0.93 17.21
C GLN A 142 -21.54 1.86 16.07
N SER A 143 -20.72 2.86 15.89
CA SER A 143 -20.85 3.79 14.78
C SER A 143 -19.51 3.96 14.09
N PHE A 144 -19.54 4.56 12.90
CA PHE A 144 -18.37 4.65 12.05
C PHE A 144 -18.25 6.03 11.41
N LYS A 145 -17.03 6.50 11.26
CA LYS A 145 -16.75 7.73 10.54
C LYS A 145 -15.61 7.44 9.56
N VAL A 146 -15.76 7.94 8.33
CA VAL A 146 -14.80 7.67 7.25
C VAL A 146 -14.29 9.00 6.72
N GLU A 147 -12.97 9.12 6.60
CA GLU A 147 -12.32 10.30 6.03
C GLU A 147 -11.33 9.89 4.93
N VAL A 148 -11.13 10.78 3.97
CA VAL A 148 -10.28 10.48 2.83
C VAL A 148 -9.34 11.65 2.56
N SER A 149 -8.13 11.29 2.11
CA SER A 149 -7.05 12.16 1.67
C SER A 149 -6.48 11.58 0.39
N TYR A 150 -6.06 12.45 -0.53
CA TYR A 150 -5.54 11.94 -1.79
C TYR A 150 -4.45 12.90 -2.27
N MET A 151 -3.20 12.43 -2.25
CA MET A 151 -2.06 13.29 -2.50
C MET A 151 -1.14 12.70 -3.57
N GLU A 152 -0.37 13.58 -4.21
CA GLU A 152 0.63 13.18 -5.18
C GLU A 152 2.00 13.72 -4.77
N ILE A 153 3.03 12.91 -4.94
CA ILE A 153 4.40 13.33 -4.66
C ILE A 153 5.17 13.30 -5.96
N TYR A 154 5.72 14.44 -6.34
CA TYR A 154 6.51 14.52 -7.56
C TYR A 154 7.68 15.43 -7.29
N ASN A 155 8.90 14.94 -7.58
CA ASN A 155 10.12 15.72 -7.39
C ASN A 155 10.24 16.18 -5.95
N GLU A 156 9.83 15.32 -5.01
CA GLU A 156 9.91 15.56 -3.58
C GLU A 156 8.96 16.66 -3.11
N LYS A 157 7.95 16.99 -3.90
CA LYS A 157 6.95 17.96 -3.52
C LYS A 157 5.59 17.27 -3.42
N VAL A 158 4.81 17.66 -2.43
CA VAL A 158 3.51 17.07 -2.16
C VAL A 158 2.42 18.02 -2.63
N ARG A 159 1.48 17.50 -3.42
N ARG A 159 1.47 17.50 -3.41
CA ARG A 159 0.30 18.21 -3.86
CA ARG A 159 0.30 18.24 -3.83
C ARG A 159 -0.95 17.48 -3.37
C ARG A 159 -0.96 17.49 -3.41
N ASP A 160 -2.02 18.25 -3.18
CA ASP A 160 -3.30 17.74 -2.72
C ASP A 160 -4.20 17.49 -3.92
N LEU A 161 -4.49 16.22 -4.20
CA LEU A 161 -5.29 15.90 -5.38
C LEU A 161 -6.76 16.24 -5.18
N LEU A 162 -7.19 16.51 -3.95
CA LEU A 162 -8.55 16.93 -3.67
C LEU A 162 -8.68 18.44 -3.48
N ASP A 163 -7.64 19.20 -3.83
CA ASP A 163 -7.63 20.65 -3.63
C ASP A 163 -8.82 21.29 -4.33
N PRO A 164 -9.56 22.18 -3.66
CA PRO A 164 -10.68 22.87 -4.33
C PRO A 164 -10.26 23.84 -5.41
N LYS A 165 -9.10 24.48 -5.26
CA LYS A 165 -8.71 25.56 -6.17
C LYS A 165 -8.15 25.02 -7.48
N GLY A 166 -7.17 24.13 -7.39
CA GLY A 166 -6.45 23.71 -8.57
C GLY A 166 -5.19 24.49 -8.88
N SER A 167 -4.68 25.27 -7.93
CA SER A 167 -3.39 25.94 -8.08
C SER A 167 -2.24 24.96 -8.23
N ARG A 168 -2.43 23.72 -7.77
CA ARG A 168 -1.38 22.70 -7.76
C ARG A 168 -0.18 23.13 -6.91
N GLN A 169 -0.44 23.95 -5.88
CA GLN A 169 0.62 24.37 -4.98
C GLN A 169 1.10 23.21 -4.11
N THR A 170 2.35 23.32 -3.66
CA THR A 170 3.05 22.27 -2.94
C THR A 170 2.90 22.48 -1.44
N LEU A 171 2.80 21.37 -0.71
CA LEU A 171 2.53 21.41 0.72
C LEU A 171 3.75 20.99 1.52
N LYS A 172 3.99 21.67 2.63
CA LYS A 172 5.10 21.35 3.51
C LYS A 172 4.81 20.04 4.24
N VAL A 173 5.83 19.20 4.39
CA VAL A 173 5.73 18.01 5.21
C VAL A 173 6.43 18.29 6.52
N ARG A 174 5.76 17.99 7.63
CA ARG A 174 6.24 18.35 8.96
C ARG A 174 6.15 17.14 9.88
N GLU A 175 6.94 17.19 10.95
CA GLU A 175 6.88 16.16 11.97
C GLU A 175 6.08 16.67 13.16
N HIS A 176 5.33 15.77 13.78
CA HIS A 176 4.46 16.09 14.90
C HIS A 176 4.58 15.00 15.94
N SER A 177 4.80 15.39 17.20
CA SER A 177 5.01 14.40 18.25
C SER A 177 3.77 13.53 18.48
N VAL A 178 2.58 14.04 18.18
CA VAL A 178 1.35 13.27 18.33
C VAL A 178 0.94 12.62 17.02
N LEU A 179 0.97 13.37 15.92
CA LEU A 179 0.47 12.86 14.66
C LEU A 179 1.51 12.10 13.84
N GLY A 180 2.80 12.29 14.10
CA GLY A 180 3.83 11.76 13.24
C GLY A 180 4.03 12.64 12.03
N PRO A 181 4.79 12.14 11.05
CA PRO A 181 4.95 12.90 9.80
C PRO A 181 3.61 13.12 9.13
N TYR A 182 3.35 14.37 8.77
CA TYR A 182 2.09 14.68 8.11
C TYR A 182 2.30 15.81 7.12
N VAL A 183 1.31 15.99 6.25
CA VAL A 183 1.31 16.99 5.20
C VAL A 183 0.50 18.20 5.68
N ASP A 184 1.20 19.28 5.99
CA ASP A 184 0.57 20.48 6.53
C ASP A 184 -0.29 21.14 5.47
N GLY A 185 -1.62 21.06 5.63
CA GLY A 185 -2.56 21.65 4.70
C GLY A 185 -3.36 20.65 3.89
N LEU A 186 -3.09 19.35 4.03
CA LEU A 186 -3.70 18.36 3.16
C LEU A 186 -5.17 18.20 3.50
N SER A 187 -6.04 18.27 2.50
CA SER A 187 -7.48 18.06 2.75
C SER A 187 -7.74 16.68 3.33
N LYS A 188 -8.58 16.62 4.35
CA LYS A 188 -9.04 15.37 4.92
C LYS A 188 -10.55 15.51 5.05
N LEU A 189 -11.28 14.77 4.23
CA LEU A 189 -12.70 15.03 4.03
C LEU A 189 -13.53 13.84 4.47
N ALA A 190 -14.59 14.12 5.24
CA ALA A 190 -15.55 13.09 5.61
C ALA A 190 -16.34 12.63 4.40
N VAL A 191 -16.61 11.32 4.34
CA VAL A 191 -17.43 10.72 3.31
C VAL A 191 -18.45 9.81 3.99
N TYR A 192 -19.65 9.72 3.40
CA TYR A 192 -20.79 9.05 4.05
C TYR A 192 -21.40 7.93 3.22
N SER A 193 -20.95 7.74 1.99
CA SER A 193 -21.47 6.74 1.07
C SER A 193 -20.40 6.49 0.04
N TYR A 194 -20.58 5.43 -0.74
CA TYR A 194 -19.68 5.20 -1.85
C TYR A 194 -19.59 6.43 -2.76
N LYS A 195 -20.72 7.07 -3.06
CA LYS A 195 -20.71 8.11 -4.09
C LYS A 195 -19.93 9.35 -3.64
N ASP A 196 -19.91 9.66 -2.34
CA ASP A 196 -19.03 10.72 -1.85
C ASP A 196 -17.57 10.43 -2.19
N ILE A 197 -17.12 9.23 -1.82
CA ILE A 197 -15.71 8.89 -1.95
C ILE A 197 -15.36 8.65 -3.41
N GLU A 198 -16.34 8.25 -4.23
CA GLU A 198 -16.13 8.17 -5.66
C GLU A 198 -15.92 9.56 -6.27
N SER A 199 -16.75 10.54 -5.91
CA SER A 199 -16.55 11.88 -6.46
C SER A 199 -15.17 12.42 -6.07
N LEU A 200 -14.67 12.08 -4.89
CA LEU A 200 -13.31 12.50 -4.54
C LEU A 200 -12.25 11.72 -5.34
N MET A 201 -12.35 10.39 -5.36
CA MET A 201 -11.54 9.55 -6.24
C MET A 201 -11.46 10.15 -7.64
N SER A 202 -12.60 10.55 -8.17
CA SER A 202 -12.70 11.03 -9.55
C SER A 202 -12.00 12.37 -9.72
N GLU A 203 -12.26 13.33 -8.81
CA GLU A 203 -11.57 14.61 -8.92
C GLU A 203 -10.05 14.45 -8.78
N GLY A 204 -9.62 13.57 -7.87
CA GLY A 204 -8.20 13.32 -7.70
C GLY A 204 -7.57 12.66 -8.92
N ASN A 205 -8.28 11.73 -9.55
CA ASN A 205 -7.77 11.05 -10.74
C ASN A 205 -7.65 12.02 -11.91
N LYS A 206 -8.63 12.93 -12.06
CA LYS A 206 -8.50 13.94 -13.11
C LYS A 206 -7.35 14.90 -12.82
N SER A 207 -7.10 15.22 -11.54
CA SER A 207 -5.93 16.05 -11.22
C SER A 207 -4.62 15.29 -11.41
N ARG A 208 -4.64 13.95 -11.35
CA ARG A 208 -3.45 13.19 -11.75
C ARG A 208 -3.26 13.25 -13.25
N THR A 209 -4.37 13.22 -14.01
CA THR A 209 -4.28 13.21 -15.46
C THR A 209 -4.13 14.61 -16.06
N VAL A 210 -4.70 15.62 -15.41
CA VAL A 210 -4.41 16.98 -15.85
C VAL A 210 -2.93 17.33 -15.58
N ALA A 211 -2.35 16.74 -14.52
CA ALA A 211 -0.91 16.85 -14.28
C ALA A 211 -0.09 16.09 -15.31
N ALA A 212 -0.71 15.20 -16.09
CA ALA A 212 -0.02 14.40 -17.08
C ALA A 212 -0.29 14.82 -18.52
N THR A 213 -1.02 15.92 -18.74
CA THR A 213 -1.39 16.34 -20.10
C THR A 213 -0.16 16.49 -20.98
N ASN A 214 0.71 17.45 -20.64
CA ASN A 214 1.92 17.70 -21.41
C ASN A 214 3.14 16.98 -20.84
N MET A 215 3.10 16.59 -19.58
CA MET A 215 4.24 15.94 -18.92
C MET A 215 3.94 14.46 -18.73
N ASN A 216 3.87 13.73 -19.85
CA ASN A 216 3.52 12.32 -19.78
C ASN A 216 4.71 11.47 -19.32
N GLU A 217 5.93 11.79 -19.80
CA GLU A 217 7.10 11.06 -19.35
C GLU A 217 7.35 11.28 -17.86
N GLU A 218 7.00 12.46 -17.34
CA GLU A 218 7.23 12.78 -15.93
C GLU A 218 6.12 12.31 -15.01
N SER A 219 4.91 12.07 -15.52
CA SER A 219 3.87 11.50 -14.69
C SER A 219 4.17 10.06 -14.28
N SER A 220 5.06 9.38 -15.02
CA SER A 220 5.53 8.06 -14.59
C SER A 220 6.52 8.16 -13.44
N ARG A 221 6.90 9.38 -13.04
CA ARG A 221 7.84 9.62 -11.95
C ARG A 221 7.14 10.05 -10.67
N SER A 222 5.81 10.07 -10.64
CA SER A 222 5.08 10.55 -9.49
C SER A 222 4.43 9.41 -8.70
N HIS A 223 4.34 9.61 -7.39
CA HIS A 223 3.72 8.70 -6.45
C HIS A 223 2.33 9.22 -6.06
N ALA A 224 1.37 8.32 -5.89
CA ALA A 224 0.04 8.73 -5.49
C ALA A 224 -0.34 7.94 -4.24
N VAL A 225 -0.89 8.64 -3.25
CA VAL A 225 -1.25 8.02 -1.99
C VAL A 225 -2.70 8.39 -1.68
N PHE A 226 -3.56 7.35 -1.59
CA PHE A 226 -4.98 7.46 -1.28
C PHE A 226 -5.19 6.90 0.12
N LYS A 227 -5.76 7.70 1.02
CA LYS A 227 -5.74 7.40 2.45
C LYS A 227 -7.15 7.51 3.02
N ILE A 228 -7.66 6.40 3.54
CA ILE A 228 -8.95 6.33 4.23
C ILE A 228 -8.69 6.18 5.73
N THR A 229 -9.34 7.01 6.53
CA THR A 229 -9.32 6.87 7.98
C THR A 229 -10.68 6.36 8.44
N LEU A 230 -10.69 5.18 9.07
CA LEU A 230 -11.89 4.55 9.60
C LEU A 230 -11.87 4.64 11.13
N THR A 231 -12.75 5.48 11.66
CA THR A 231 -12.90 5.71 13.11
C THR A 231 -14.13 4.92 13.56
N HIS A 232 -13.85 3.88 14.32
CA HIS A 232 -14.86 2.97 14.87
C HIS A 232 -15.20 3.38 16.29
N THR A 233 -16.41 3.84 16.52
CA THR A 233 -16.82 4.15 17.89
C THR A 233 -17.60 2.96 18.47
N LEU A 234 -17.16 2.48 19.63
CA LEU A 234 -17.84 1.43 20.37
C LEU A 234 -18.51 2.04 21.58
N TYR A 235 -19.82 1.82 21.71
CA TYR A 235 -20.59 2.32 22.84
C TYR A 235 -20.75 1.21 23.88
N ASP A 236 -20.16 1.43 25.05
CA ASP A 236 -20.31 0.65 26.27
C ASP A 236 -21.60 1.11 26.94
N VAL A 237 -22.71 0.50 26.51
CA VAL A 237 -24.01 1.07 26.81
C VAL A 237 -24.40 0.84 28.26
N LYS A 238 -24.00 -0.28 28.86
CA LYS A 238 -24.36 -0.44 30.27
C LYS A 238 -23.42 0.32 31.18
N SER A 239 -22.27 0.79 30.71
CA SER A 239 -21.49 1.71 31.54
C SER A 239 -21.66 3.16 31.11
N GLY A 240 -22.42 3.43 30.04
CA GLY A 240 -22.65 4.78 29.58
C GLY A 240 -21.40 5.45 29.05
N THR A 241 -20.50 4.68 28.46
CA THR A 241 -19.24 5.24 27.96
C THR A 241 -19.02 4.80 26.52
N SER A 242 -18.02 5.36 25.88
CA SER A 242 -17.70 4.99 24.52
C SER A 242 -16.23 5.25 24.24
N GLY A 243 -15.74 4.68 23.14
CA GLY A 243 -14.34 4.82 22.78
C GLY A 243 -14.14 4.62 21.29
N GLU A 244 -13.01 5.11 20.81
CA GLU A 244 -12.68 5.08 19.39
C GLU A 244 -11.50 4.17 19.12
N LYS A 245 -11.61 3.38 18.05
CA LYS A 245 -10.52 2.64 17.43
C LYS A 245 -10.35 3.20 16.03
N VAL A 246 -9.12 3.54 15.64
CA VAL A 246 -8.89 4.12 14.32
C VAL A 246 -7.99 3.20 13.54
N GLY A 247 -8.44 2.85 12.33
CA GLY A 247 -7.61 2.18 11.34
C GLY A 247 -7.39 3.13 10.16
N LYS A 248 -6.17 3.14 9.65
CA LYS A 248 -5.87 4.00 8.48
C LYS A 248 -5.50 3.10 7.32
N LEU A 249 -6.14 3.29 6.19
CA LEU A 249 -5.90 2.48 4.98
C LEU A 249 -5.09 3.33 3.99
N SER A 250 -3.90 2.89 3.64
CA SER A 250 -3.08 3.66 2.70
C SER A 250 -2.87 2.83 1.44
N LEU A 251 -3.41 3.31 0.33
CA LEU A 251 -3.21 2.67 -0.96
C LEU A 251 -2.25 3.52 -1.77
N VAL A 252 -1.12 2.91 -2.15
CA VAL A 252 0.04 3.62 -2.70
C VAL A 252 0.32 3.10 -4.11
N ASP A 253 0.43 4.02 -5.05
CA ASP A 253 0.71 3.74 -6.46
C ASP A 253 2.04 4.44 -6.71
N LEU A 254 3.13 3.68 -6.73
CA LEU A 254 4.45 4.29 -6.71
C LEU A 254 4.83 4.81 -8.11
N ALA A 255 5.95 5.52 -8.16
CA ALA A 255 6.57 5.86 -9.43
C ALA A 255 7.20 4.63 -10.06
N GLY A 256 7.42 4.70 -11.37
CA GLY A 256 8.02 3.60 -12.10
C GLY A 256 9.39 3.25 -11.55
N SER A 257 9.62 1.97 -11.29
CA SER A 257 10.85 1.52 -10.66
C SER A 257 12.05 1.50 -11.59
N GLU A 258 11.88 1.61 -12.90
CA GLU A 258 13.02 1.49 -13.84
C GLU A 258 14.04 2.62 -13.79
N ARG A 259 15.16 2.37 -14.48
CA ARG A 259 16.33 3.26 -14.68
C ARG A 259 16.07 4.19 -15.87
N SER A 274 16.96 16.56 -11.26
CA SER A 274 17.89 15.84 -10.40
C SER A 274 17.21 14.82 -9.50
N ASN A 275 16.71 15.27 -8.34
CA ASN A 275 16.15 14.35 -7.35
C ASN A 275 14.71 13.99 -7.69
N ILE A 276 14.47 13.73 -8.98
CA ILE A 276 13.19 13.20 -9.44
C ILE A 276 12.96 11.79 -8.88
N ASN A 277 14.04 11.03 -8.66
CA ASN A 277 13.94 9.66 -8.19
C ASN A 277 14.44 9.49 -6.76
N LYS A 278 14.67 10.58 -6.04
CA LYS A 278 15.16 10.49 -4.66
C LYS A 278 14.27 9.58 -3.80
N SER A 279 12.95 9.71 -3.92
CA SER A 279 12.06 8.91 -3.07
C SER A 279 12.12 7.43 -3.42
N LEU A 280 12.11 7.10 -4.72
CA LEU A 280 12.16 5.70 -5.14
C LEU A 280 13.47 5.03 -4.71
N THR A 281 14.60 5.71 -4.94
CA THR A 281 15.91 5.21 -4.49
C THR A 281 15.92 5.01 -2.99
N THR A 282 15.47 6.02 -2.24
CA THR A 282 15.43 5.90 -0.78
C THR A 282 14.56 4.74 -0.36
N LEU A 283 13.49 4.48 -1.10
CA LEU A 283 12.62 3.36 -0.76
C LEU A 283 13.35 2.03 -0.96
N GLY A 284 14.14 1.93 -2.03
CA GLY A 284 14.95 0.73 -2.21
C GLY A 284 15.88 0.51 -1.03
N LEU A 285 16.52 1.60 -0.56
CA LEU A 285 17.40 1.50 0.59
C LEU A 285 16.64 1.06 1.85
N VAL A 286 15.48 1.66 2.10
CA VAL A 286 14.67 1.34 3.28
C VAL A 286 14.28 -0.12 3.27
N ILE A 287 13.82 -0.63 2.13
CA ILE A 287 13.46 -2.04 1.98
C ILE A 287 14.67 -2.93 2.28
N SER A 288 15.84 -2.57 1.73
CA SER A 288 17.01 -3.43 1.91
C SER A 288 17.46 -3.47 3.37
N ALA A 289 17.50 -2.30 4.02
CA ALA A 289 17.87 -2.26 5.43
C ALA A 289 16.91 -3.05 6.30
N LEU A 290 15.60 -2.93 6.05
CA LEU A 290 14.62 -3.64 6.88
C LEU A 290 14.68 -5.14 6.63
N ALA A 291 14.88 -5.56 5.37
CA ALA A 291 15.06 -6.98 5.08
C ALA A 291 16.28 -7.54 5.78
N ASP A 292 17.43 -6.86 5.64
CA ASP A 292 18.63 -7.23 6.40
C ASP A 292 18.33 -7.41 7.88
N GLN A 293 17.66 -6.41 8.49
CA GLN A 293 17.38 -6.46 9.92
C GLN A 293 16.50 -7.65 10.30
N GLY A 294 15.48 -7.93 9.49
CA GLY A 294 14.69 -9.13 9.71
C GLY A 294 15.53 -10.39 9.70
N ALA A 295 16.53 -10.46 8.81
CA ALA A 295 17.45 -11.59 8.83
C ALA A 295 18.61 -11.39 9.81
N GLY A 296 18.50 -10.46 10.75
CA GLY A 296 19.55 -10.26 11.74
C GLY A 296 20.86 -9.67 11.25
N LYS A 297 20.86 -8.90 10.18
CA LYS A 297 22.07 -8.21 9.77
C LYS A 297 21.88 -6.70 9.88
N ASN A 298 22.98 -5.99 10.13
CA ASN A 298 22.98 -4.53 10.27
C ASN A 298 21.93 -4.06 11.27
N LYS A 299 21.81 -4.77 12.39
CA LYS A 299 20.78 -4.46 13.37
C LYS A 299 20.93 -3.06 13.95
N ASN A 300 22.15 -2.54 14.01
CA ASN A 300 22.42 -1.23 14.59
C ASN A 300 22.38 -0.09 13.58
N LYS A 301 22.10 -0.38 12.32
CA LYS A 301 22.14 0.63 11.28
C LYS A 301 20.75 1.24 11.16
N PHE A 302 20.65 2.56 11.35
CA PHE A 302 19.32 3.15 11.33
C PHE A 302 18.79 3.17 9.90
N VAL A 303 17.47 3.01 9.78
CA VAL A 303 16.80 2.96 8.49
C VAL A 303 16.61 4.40 7.98
N PRO A 304 17.03 4.74 6.75
CA PRO A 304 16.99 6.12 6.27
C PRO A 304 15.61 6.61 5.79
N TYR A 305 14.59 6.34 6.61
CA TYR A 305 13.25 6.91 6.39
C TYR A 305 13.30 8.38 6.03
N ARG A 306 14.07 9.15 6.82
CA ARG A 306 14.07 10.61 6.79
C ARG A 306 14.66 11.20 5.52
N ASP A 307 15.25 10.39 4.65
CA ASP A 307 16.01 10.95 3.54
C ASP A 307 15.16 11.27 2.32
N SER A 308 13.86 10.96 2.35
CA SER A 308 12.98 11.31 1.24
C SER A 308 11.59 11.54 1.77
N VAL A 309 10.81 12.34 1.02
CA VAL A 309 9.45 12.67 1.42
C VAL A 309 8.58 11.41 1.50
N LEU A 310 8.73 10.52 0.52
CA LEU A 310 7.85 9.35 0.49
C LEU A 310 8.15 8.40 1.64
N THR A 311 9.42 8.05 1.84
CA THR A 311 9.74 7.12 2.92
C THR A 311 9.50 7.75 4.28
N TRP A 312 9.62 9.08 4.37
CA TRP A 312 9.26 9.77 5.61
C TRP A 312 7.77 9.62 5.88
N LEU A 313 6.93 10.02 4.92
CA LEU A 313 5.48 9.99 5.12
C LEU A 313 4.97 8.58 5.41
N LEU A 314 5.58 7.57 4.82
CA LEU A 314 5.11 6.20 4.96
C LEU A 314 5.99 5.37 5.88
N LYS A 315 6.73 6.00 6.80
CA LYS A 315 7.65 5.24 7.65
C LYS A 315 6.91 4.15 8.43
N ASP A 316 5.68 4.42 8.85
CA ASP A 316 4.94 3.43 9.62
C ASP A 316 4.59 2.21 8.78
N SER A 317 4.36 2.40 7.48
CA SER A 317 3.95 1.29 6.63
C SER A 317 5.04 0.25 6.45
N LEU A 318 6.30 0.64 6.62
CA LEU A 318 7.44 -0.25 6.38
C LEU A 318 8.27 -0.36 7.66
N GLY A 319 8.10 -1.49 8.36
CA GLY A 319 8.81 -1.72 9.59
C GLY A 319 8.26 -1.00 10.81
N GLY A 320 7.02 -0.49 10.74
CA GLY A 320 6.36 0.21 11.81
C GLY A 320 4.96 -0.31 12.05
N ASN A 321 4.10 0.58 12.53
CA ASN A 321 2.78 0.23 13.05
C ASN A 321 1.77 0.14 11.90
N SER A 322 1.80 -1.00 11.19
CA SER A 322 1.03 -1.16 9.97
C SER A 322 1.03 -2.63 9.58
N LYS A 323 -0.08 -3.08 8.99
CA LYS A 323 -0.15 -4.35 8.30
C LYS A 323 -0.05 -4.03 6.82
N THR A 324 1.04 -4.46 6.20
CA THR A 324 1.43 -3.97 4.89
C THR A 324 1.54 -5.12 3.91
N ALA A 325 1.02 -4.87 2.71
CA ALA A 325 1.15 -5.74 1.55
C ALA A 325 1.75 -4.95 0.39
N MET A 326 2.62 -5.62 -0.37
CA MET A 326 3.22 -5.13 -1.60
C MET A 326 2.68 -5.94 -2.77
N VAL A 327 2.19 -5.26 -3.80
CA VAL A 327 1.91 -5.85 -5.10
C VAL A 327 3.04 -5.43 -6.03
N ALA A 328 3.98 -6.34 -6.27
CA ALA A 328 4.99 -6.15 -7.30
C ALA A 328 4.37 -6.54 -8.64
N THR A 329 4.38 -5.60 -9.60
CA THR A 329 3.79 -5.82 -10.92
C THR A 329 4.90 -5.97 -11.93
N VAL A 330 4.78 -6.96 -12.80
CA VAL A 330 5.81 -7.27 -13.77
C VAL A 330 5.21 -7.52 -15.15
N SER A 331 6.01 -7.17 -16.15
CA SER A 331 5.84 -7.52 -17.54
C SER A 331 6.39 -8.92 -17.80
N PRO A 332 5.69 -9.75 -18.57
CA PRO A 332 6.20 -11.07 -18.90
C PRO A 332 7.09 -11.09 -20.14
N ALA A 333 7.38 -9.92 -20.71
CA ALA A 333 8.05 -9.83 -22.01
C ALA A 333 9.57 -9.93 -21.86
N ALA A 334 10.20 -10.62 -22.83
CA ALA A 334 11.65 -10.84 -22.79
C ALA A 334 12.40 -9.52 -22.71
N ASP A 335 11.92 -8.51 -23.41
CA ASP A 335 12.58 -7.18 -23.45
C ASP A 335 12.64 -6.49 -22.09
N ASN A 336 11.82 -6.93 -21.14
CA ASN A 336 11.79 -6.31 -19.83
C ASN A 336 12.51 -7.16 -18.79
N TYR A 337 13.24 -8.20 -19.23
CA TYR A 337 13.83 -9.16 -18.30
C TYR A 337 14.52 -8.45 -17.13
N ASP A 338 15.44 -7.53 -17.42
CA ASP A 338 16.25 -6.93 -16.37
C ASP A 338 15.41 -6.15 -15.37
N GLU A 339 14.37 -5.44 -15.85
CA GLU A 339 13.56 -4.70 -14.90
C GLU A 339 12.71 -5.65 -14.09
N THR A 340 12.22 -6.72 -14.72
CA THR A 340 11.45 -7.72 -14.01
C THR A 340 12.27 -8.39 -12.92
N LEU A 341 13.48 -8.85 -13.27
CA LEU A 341 14.35 -9.44 -12.26
C LEU A 341 14.49 -8.49 -11.09
N SER A 342 14.69 -7.20 -11.37
CA SER A 342 14.96 -6.33 -10.24
C SER A 342 13.69 -6.16 -9.41
N THR A 343 12.54 -6.04 -10.07
CA THR A 343 11.29 -5.98 -9.32
C THR A 343 11.12 -7.25 -8.49
N LEU A 344 11.37 -8.41 -9.12
CA LEU A 344 11.21 -9.67 -8.39
C LEU A 344 12.17 -9.73 -7.21
N ARG A 345 13.34 -9.10 -7.31
CA ARG A 345 14.28 -9.17 -6.21
C ARG A 345 13.84 -8.28 -5.06
N TYR A 346 13.30 -7.10 -5.36
CA TYR A 346 12.86 -6.22 -4.28
C TYR A 346 11.69 -6.86 -3.52
N ALA A 347 10.68 -7.34 -4.26
CA ALA A 347 9.61 -8.11 -3.64
C ALA A 347 10.18 -9.21 -2.74
N ASP A 348 11.22 -9.91 -3.23
CA ASP A 348 11.78 -10.99 -2.42
C ASP A 348 12.32 -10.44 -1.11
N ARG A 349 13.14 -9.38 -1.19
CA ARG A 349 13.61 -8.71 0.02
C ARG A 349 12.43 -8.30 0.88
N ALA A 350 11.38 -7.71 0.27
CA ALA A 350 10.30 -7.14 1.06
C ALA A 350 9.62 -8.20 1.92
N LYS A 351 9.63 -9.47 1.48
CA LYS A 351 8.86 -10.39 2.32
C LYS A 351 9.56 -10.75 3.62
N HIS A 352 10.73 -10.17 3.91
CA HIS A 352 11.41 -10.39 5.18
C HIS A 352 11.29 -9.20 6.12
N ILE A 353 10.52 -8.20 5.74
CA ILE A 353 10.35 -7.02 6.56
C ILE A 353 9.36 -7.32 7.69
N ILE A 354 9.78 -7.09 8.92
CA ILE A 354 8.95 -7.29 10.11
C ILE A 354 8.22 -5.99 10.41
N ASN A 355 6.89 -6.06 10.51
CA ASN A 355 6.09 -4.92 10.93
C ASN A 355 5.63 -5.10 12.37
N HIS A 356 5.23 -3.99 13.00
CA HIS A 356 4.83 -3.97 14.42
C HIS A 356 3.45 -3.32 14.56
N ALA A 357 2.43 -3.96 13.99
CA ALA A 357 1.07 -3.43 14.03
C ALA A 357 0.42 -3.64 15.39
N VAL A 358 -0.08 -2.55 15.98
CA VAL A 358 -0.90 -2.65 17.16
C VAL A 358 -2.28 -2.05 16.88
N VAL A 359 -3.25 -2.48 17.67
CA VAL A 359 -4.59 -1.91 17.59
C VAL A 359 -4.54 -0.47 18.08
N ASN A 360 -5.11 0.45 17.29
CA ASN A 360 -5.03 1.88 17.59
C ASN A 360 -6.27 2.30 18.36
N GLU A 361 -6.20 2.21 19.69
CA GLU A 361 -7.24 2.71 20.57
C GLU A 361 -6.61 3.62 21.62
N ASP A 362 -7.46 4.24 22.42
CA ASP A 362 -6.98 5.22 23.40
C ASP A 362 -6.14 4.55 24.49
N PRO A 363 -4.96 5.07 24.80
CA PRO A 363 -4.11 4.43 25.85
C PRO A 363 -4.63 4.61 27.28
N ASN A 364 -5.57 5.53 27.51
CA ASN A 364 -5.97 5.80 28.88
C ASN A 364 -6.59 4.56 29.53
N ALA A 365 -7.25 3.70 28.73
CA ALA A 365 -7.95 2.55 29.32
C ALA A 365 -6.97 1.58 29.95
N ARG A 366 -5.86 1.30 29.25
CA ARG A 366 -4.80 0.45 29.81
C ARG A 366 -4.17 1.13 31.02
N ILE A 367 -3.93 2.45 30.96
CA ILE A 367 -3.38 3.14 32.14
C ILE A 367 -4.31 2.98 33.34
N ILE A 368 -5.62 3.08 33.12
CA ILE A 368 -6.57 2.96 34.22
C ILE A 368 -6.59 1.54 34.78
N ARG A 369 -6.63 0.52 33.91
CA ARG A 369 -6.59 -0.86 34.38
C ARG A 369 -5.33 -1.13 35.22
N ASP A 370 -4.17 -0.68 34.72
CA ASP A 370 -2.94 -0.90 35.47
C ASP A 370 -2.98 -0.20 36.82
N LEU A 371 -3.54 1.01 36.86
CA LEU A 371 -3.60 1.75 38.11
C LEU A 371 -4.57 1.11 39.11
N ARG A 372 -5.68 0.57 38.61
CA ARG A 372 -6.60 -0.13 39.50
C ARG A 372 -5.95 -1.40 40.06
N GLU A 373 -5.20 -2.11 39.21
CA GLU A 373 -4.46 -3.26 39.69
C GLU A 373 -3.43 -2.86 40.75
N GLU A 374 -2.72 -1.76 40.53
CA GLU A 374 -1.75 -1.31 41.52
C GLU A 374 -2.44 -0.89 42.80
N VAL A 375 -3.62 -0.29 42.70
CA VAL A 375 -4.38 0.05 43.90
C VAL A 375 -4.73 -1.21 44.69
N GLU A 376 -5.16 -2.27 43.99
CA GLU A 376 -5.52 -3.49 44.71
C GLU A 376 -4.29 -4.16 45.33
N LYS A 377 -3.16 -4.18 44.61
CA LYS A 377 -1.93 -4.71 45.16
C LYS A 377 -1.54 -3.97 46.43
N LEU A 378 -1.53 -2.63 46.38
CA LEU A 378 -1.22 -1.84 47.56
C LEU A 378 -2.22 -2.11 48.69
N ARG A 379 -3.52 -2.20 48.36
CA ARG A 379 -4.52 -2.36 49.41
C ARG A 379 -4.31 -3.66 50.17
N GLU A 380 -3.96 -4.75 49.46
CA GLU A 380 -3.75 -5.99 50.19
C GLU A 380 -2.36 -6.07 50.82
N GLN A 381 -1.37 -5.34 50.31
CA GLN A 381 -0.13 -5.20 51.04
C GLN A 381 -0.37 -4.51 52.38
N LEU A 382 -1.22 -3.48 52.38
CA LEU A 382 -1.56 -2.76 53.60
C LEU A 382 -2.17 -3.67 54.66
N THR A 383 -2.78 -4.77 54.25
CA THR A 383 -3.29 -5.76 55.19
C THR A 383 -2.11 -6.58 55.69
N LYS A 384 -1.50 -6.10 56.77
CA LYS A 384 -0.33 -6.75 57.35
C LYS A 384 -0.10 -6.25 58.77
#